data_4I2G
#
_entry.id   4I2G
#
_cell.length_a   46.826
_cell.length_b   84.636
_cell.length_c   115.850
_cell.angle_alpha   90.00
_cell.angle_beta   90.00
_cell.angle_gamma   90.00
#
_symmetry.space_group_name_H-M   'P 21 21 21'
#
loop_
_entity.id
_entity.type
_entity.pdbx_description
1 polymer 'DNA nucleotidylexotransferase'
2 polymer "5'-D(P*AP*AP*AP*AP*A)-3'"
3 non-polymer 'COBALT (II) ION'
4 non-polymer 'SODIUM ION'
5 non-polymer 'MAGNESIUM ION'
6 water water
#
loop_
_entity_poly.entity_id
_entity_poly.type
_entity_poly.pdbx_seq_one_letter_code
_entity_poly.pdbx_strand_id
1 'polypeptide(L)'
;MGSSHHHHHHSSGLVPRGSHMSPSPVPGSQNVPAPAVKKISQYACQRRTTLNNYNQLFTDALDILAENDELRENEGSCLA
FMRASSVLKSLPFPITSMKDTEGIPCLGDKVKSIIEGIIEDGESSEAKAVLNDERYKSFKLFTSVFGVGLKTAEKWFRMG
FRTLSKIQSDKSLRFTQMQKAGFLYYEDLVSCVNRPEAEAVSMLVKEAVVTFLPDALVTMTGGFRRGKMTGHDVDFLITS
PEATEDEEQQLLHKVTDFWKQQGLLLYCDILESTFEKFKQPSRKVDALDHFQKCFLILKLDHGRVHSEKSGQQEGKGWKA
IRVDLVMCPYDRRAFALLGWTGSRQFERDLRRYATHERKMMLDNHALYDRTKRVFLEAESEEEIFAHLGLDYIEPWERNA
;
A
2 'polydeoxyribonucleotide' (DA)(DA)(DA)(DA)(DA) C
#
loop_
_chem_comp.id
_chem_comp.type
_chem_comp.name
_chem_comp.formula
CO non-polymer 'COBALT (II) ION' 'Co 2'
DA DNA linking 2'-DEOXYADENOSINE-5'-MONOPHOSPHATE 'C10 H14 N5 O6 P'
MG non-polymer 'MAGNESIUM ION' 'Mg 2'
NA non-polymer 'SODIUM ION' 'Na 1'
#
# COMPACT_ATOMS: atom_id res chain seq x y z
N LYS A 39 -17.61 6.95 -21.81
CA LYS A 39 -17.50 5.53 -21.49
C LYS A 39 -16.42 5.31 -20.44
N ILE A 40 -16.81 4.69 -19.31
CA ILE A 40 -15.90 4.33 -18.22
C ILE A 40 -14.94 3.23 -18.69
N SER A 41 -13.65 3.50 -18.54
CA SER A 41 -12.62 2.54 -18.96
C SER A 41 -12.53 1.39 -17.97
N GLN A 42 -12.12 0.21 -18.49
CA GLN A 42 -11.89 -0.97 -17.65
C GLN A 42 -10.62 -0.79 -16.80
N TYR A 43 -9.74 0.21 -17.15
CA TYR A 43 -8.49 0.47 -16.49
C TYR A 43 -8.63 1.60 -15.46
N ALA A 44 -8.17 1.34 -14.20
CA ALA A 44 -8.15 2.36 -13.14
C ALA A 44 -7.27 3.58 -13.52
N CYS A 45 -6.19 3.37 -14.34
CA CYS A 45 -5.30 4.45 -14.79
C CYS A 45 -5.98 5.36 -15.81
N GLN A 46 -7.17 5.01 -16.30
CA GLN A 46 -7.97 5.87 -17.19
C GLN A 46 -9.26 6.35 -16.47
N ARG A 47 -9.26 6.28 -15.15
CA ARG A 47 -10.39 6.73 -14.30
C ARG A 47 -9.88 7.65 -13.22
N ARG A 48 -10.70 8.60 -12.78
CA ARG A 48 -10.33 9.45 -11.65
C ARG A 48 -11.11 8.91 -10.45
N THR A 49 -10.40 8.41 -9.42
CA THR A 49 -10.98 7.80 -8.24
C THR A 49 -10.58 8.61 -7.00
N THR A 50 -11.52 9.43 -6.51
CA THR A 50 -11.29 10.33 -5.38
C THR A 50 -11.86 9.67 -4.12
N LEU A 51 -11.56 10.26 -2.94
CA LEU A 51 -11.94 9.68 -1.66
C LEU A 51 -13.44 9.82 -1.35
N ASN A 52 -14.20 10.56 -2.17
CA ASN A 52 -15.65 10.64 -1.99
C ASN A 52 -16.26 9.47 -2.73
N ASN A 53 -16.28 8.34 -2.05
CA ASN A 53 -16.90 7.13 -2.54
C ASN A 53 -18.42 7.16 -2.24
N TYR A 54 -19.23 7.18 -3.31
CA TYR A 54 -20.68 7.24 -3.18
C TYR A 54 -21.32 5.85 -3.07
N ASN A 55 -20.49 4.81 -3.20
CA ASN A 55 -20.91 3.41 -3.28
C ASN A 55 -20.22 2.52 -2.25
N GLN A 56 -19.94 3.08 -1.04
CA GLN A 56 -19.30 2.37 0.06
C GLN A 56 -20.11 1.14 0.50
N LEU A 57 -21.45 1.19 0.40
CA LEU A 57 -22.31 0.06 0.74
C LEU A 57 -21.96 -1.16 -0.15
N PHE A 58 -21.75 -0.92 -1.44
CA PHE A 58 -21.39 -1.97 -2.41
C PHE A 58 -19.93 -2.34 -2.30
N THR A 59 -19.02 -1.35 -2.30
CA THR A 59 -17.57 -1.60 -2.30
C THR A 59 -17.06 -2.20 -0.99
N ASP A 60 -17.65 -1.85 0.18
CA ASP A 60 -17.23 -2.48 1.44
C ASP A 60 -17.52 -3.98 1.38
N ALA A 61 -18.67 -4.37 0.82
CA ALA A 61 -19.06 -5.77 0.65
C ALA A 61 -18.15 -6.49 -0.33
N LEU A 62 -17.89 -5.88 -1.51
CA LEU A 62 -17.00 -6.42 -2.55
C LEU A 62 -15.57 -6.56 -2.04
N ASP A 63 -15.09 -5.61 -1.20
CA ASP A 63 -13.74 -5.66 -0.62
C ASP A 63 -13.62 -6.83 0.34
N ILE A 64 -14.69 -7.12 1.12
CA ILE A 64 -14.72 -8.24 2.08
C ILE A 64 -14.64 -9.57 1.30
N LEU A 65 -15.44 -9.69 0.25
CA LEU A 65 -15.49 -10.88 -0.59
C LEU A 65 -14.15 -11.10 -1.29
N ALA A 66 -13.50 -10.02 -1.78
CA ALA A 66 -12.18 -10.10 -2.42
C ALA A 66 -11.12 -10.57 -1.42
N GLU A 67 -11.14 -10.04 -0.17
CA GLU A 67 -10.21 -10.37 0.89
C GLU A 67 -10.34 -11.86 1.31
N ASN A 68 -11.58 -12.37 1.36
CA ASN A 68 -11.86 -13.76 1.67
C ASN A 68 -11.31 -14.66 0.56
N ASP A 69 -11.47 -14.27 -0.73
CA ASP A 69 -10.93 -15.04 -1.86
C ASP A 69 -9.41 -15.07 -1.84
N GLU A 70 -8.77 -14.03 -1.26
CA GLU A 70 -7.31 -13.94 -1.13
C GLU A 70 -6.87 -14.95 -0.10
N LEU A 71 -7.60 -15.00 1.03
CA LEU A 71 -7.36 -15.95 2.12
C LEU A 71 -7.58 -17.40 1.67
N ARG A 72 -8.62 -17.65 0.83
CA ARG A 72 -8.99 -18.98 0.30
C ARG A 72 -8.15 -19.35 -0.94
N GLU A 73 -7.12 -18.52 -1.26
CA GLU A 73 -6.16 -18.70 -2.37
C GLU A 73 -6.84 -18.70 -3.75
N ASN A 74 -8.03 -18.10 -3.87
CA ASN A 74 -8.77 -18.00 -5.12
C ASN A 74 -8.45 -16.66 -5.77
N GLU A 75 -7.28 -16.59 -6.44
CA GLU A 75 -6.74 -15.39 -7.10
C GLU A 75 -7.68 -14.79 -8.16
N GLY A 76 -8.32 -15.65 -8.95
CA GLY A 76 -9.23 -15.24 -10.01
C GLY A 76 -10.47 -14.54 -9.51
N SER A 77 -11.16 -15.14 -8.53
CA SER A 77 -12.38 -14.56 -7.94
C SER A 77 -12.02 -13.29 -7.16
N CYS A 78 -10.82 -13.26 -6.53
CA CYS A 78 -10.30 -12.11 -5.80
C CYS A 78 -10.17 -10.92 -6.76
N LEU A 79 -9.52 -11.16 -7.93
CA LEU A 79 -9.30 -10.15 -8.98
C LEU A 79 -10.65 -9.60 -9.53
N ALA A 80 -11.64 -10.48 -9.79
CA ALA A 80 -12.93 -10.06 -10.31
C ALA A 80 -13.66 -9.13 -9.33
N PHE A 81 -13.63 -9.45 -8.00
CA PHE A 81 -14.26 -8.60 -7.00
C PHE A 81 -13.48 -7.29 -6.84
N MET A 82 -12.13 -7.33 -6.93
CA MET A 82 -11.31 -6.10 -6.80
C MET A 82 -11.57 -5.13 -7.95
N ARG A 83 -11.75 -5.62 -9.18
CA ARG A 83 -11.95 -4.78 -10.36
C ARG A 83 -13.33 -4.14 -10.32
N ALA A 84 -14.34 -4.87 -9.81
CA ALA A 84 -15.71 -4.41 -9.67
C ALA A 84 -15.77 -3.35 -8.58
N SER A 85 -15.14 -3.59 -7.43
CA SER A 85 -15.09 -2.63 -6.34
C SER A 85 -14.40 -1.34 -6.82
N SER A 86 -13.23 -1.48 -7.51
CA SER A 86 -12.45 -0.37 -8.05
C SER A 86 -13.29 0.54 -8.98
N VAL A 87 -13.97 -0.06 -9.98
CA VAL A 87 -14.77 0.72 -10.91
C VAL A 87 -15.94 1.46 -10.17
N LEU A 88 -16.60 0.83 -9.19
CA LEU A 88 -17.69 1.52 -8.46
C LEU A 88 -17.16 2.68 -7.63
N LYS A 89 -15.92 2.55 -7.10
CA LYS A 89 -15.25 3.62 -6.33
C LYS A 89 -15.08 4.88 -7.18
N SER A 90 -14.98 4.72 -8.53
CA SER A 90 -14.76 5.83 -9.46
C SER A 90 -16.05 6.58 -9.82
N LEU A 91 -17.22 5.99 -9.60
CA LEU A 91 -18.50 6.61 -9.95
C LEU A 91 -18.76 7.93 -9.23
N PRO A 92 -19.30 8.95 -9.96
CA PRO A 92 -19.59 10.27 -9.32
C PRO A 92 -20.97 10.30 -8.65
N PHE A 93 -21.66 9.18 -8.64
CA PHE A 93 -23.02 9.08 -8.07
C PHE A 93 -23.23 7.69 -7.41
N PRO A 94 -24.20 7.57 -6.45
CA PRO A 94 -24.47 6.24 -5.85
C PRO A 94 -25.39 5.37 -6.72
N ILE A 95 -25.14 4.06 -6.79
CA ILE A 95 -26.03 3.13 -7.49
C ILE A 95 -27.29 3.02 -6.63
N THR A 96 -28.48 3.22 -7.22
CA THR A 96 -29.71 3.10 -6.44
C THR A 96 -30.70 2.14 -7.15
N SER A 97 -30.31 1.61 -8.31
CA SER A 97 -31.10 0.62 -9.05
C SER A 97 -30.16 -0.15 -9.97
N MET A 98 -30.58 -1.31 -10.44
CA MET A 98 -29.77 -2.14 -11.33
C MET A 98 -29.51 -1.42 -12.67
N LYS A 99 -30.46 -0.59 -13.12
CA LYS A 99 -30.35 0.20 -14.35
C LYS A 99 -29.10 1.10 -14.30
N ASP A 100 -28.74 1.60 -13.12
CA ASP A 100 -27.56 2.45 -12.94
C ASP A 100 -26.23 1.72 -13.24
N THR A 101 -26.24 0.36 -13.32
CA THR A 101 -25.01 -0.41 -13.61
C THR A 101 -24.78 -0.59 -15.14
N GLU A 102 -25.76 -0.14 -15.98
CA GLU A 102 -25.63 -0.25 -17.44
C GLU A 102 -24.45 0.55 -17.95
N GLY A 103 -23.64 -0.10 -18.78
CA GLY A 103 -22.46 0.52 -19.37
C GLY A 103 -21.23 0.52 -18.48
N ILE A 104 -21.36 0.06 -17.22
CA ILE A 104 -20.20 0.01 -16.33
C ILE A 104 -19.43 -1.29 -16.60
N PRO A 105 -18.12 -1.21 -16.93
CA PRO A 105 -17.35 -2.44 -17.17
C PRO A 105 -16.97 -3.14 -15.85
N CYS A 106 -16.44 -4.38 -15.93
CA CYS A 106 -15.93 -5.16 -14.80
C CYS A 106 -17.03 -5.60 -13.82
N LEU A 107 -18.29 -5.67 -14.28
CA LEU A 107 -19.39 -6.10 -13.44
C LEU A 107 -20.00 -7.36 -14.03
N GLY A 108 -19.43 -8.51 -13.66
CA GLY A 108 -19.94 -9.80 -14.08
C GLY A 108 -21.26 -10.15 -13.42
N ASP A 109 -21.85 -11.31 -13.78
CA ASP A 109 -23.10 -11.81 -13.21
C ASP A 109 -23.03 -12.03 -11.69
N LYS A 110 -21.92 -12.60 -11.18
CA LYS A 110 -21.70 -12.82 -9.74
C LYS A 110 -21.76 -11.48 -8.98
N VAL A 111 -21.04 -10.47 -9.47
CA VAL A 111 -21.00 -9.12 -8.89
C VAL A 111 -22.39 -8.45 -8.94
N LYS A 112 -23.09 -8.54 -10.07
CA LYS A 112 -24.41 -7.94 -10.24
C LYS A 112 -25.43 -8.55 -9.29
N SER A 113 -25.30 -9.85 -8.95
CA SER A 113 -26.16 -10.51 -7.95
C SER A 113 -25.91 -9.90 -6.57
N ILE A 114 -24.65 -9.58 -6.24
CA ILE A 114 -24.28 -8.98 -4.96
C ILE A 114 -24.85 -7.56 -4.86
N ILE A 115 -24.72 -6.75 -5.95
CA ILE A 115 -25.27 -5.39 -6.03
C ILE A 115 -26.79 -5.43 -5.83
N GLU A 116 -27.49 -6.35 -6.54
CA GLU A 116 -28.93 -6.54 -6.47
C GLU A 116 -29.39 -6.80 -5.02
N GLY A 117 -28.69 -7.69 -4.32
CA GLY A 117 -28.99 -8.05 -2.93
C GLY A 117 -28.85 -6.88 -1.96
N ILE A 118 -27.84 -5.99 -2.18
CA ILE A 118 -27.59 -4.80 -1.36
C ILE A 118 -28.70 -3.77 -1.64
N ILE A 119 -29.12 -3.60 -2.91
CA ILE A 119 -30.20 -2.69 -3.29
C ILE A 119 -31.49 -3.15 -2.58
N GLU A 120 -31.72 -4.49 -2.52
CA GLU A 120 -32.90 -5.11 -1.90
C GLU A 120 -33.14 -4.71 -0.43
N ASP A 121 -32.16 -4.92 0.47
CA ASP A 121 -32.35 -4.61 1.90
C ASP A 121 -31.18 -3.85 2.59
N GLY A 122 -30.29 -3.24 1.79
CA GLY A 122 -29.16 -2.45 2.29
C GLY A 122 -27.98 -3.24 2.84
N GLU A 123 -28.03 -4.57 2.73
CA GLU A 123 -26.99 -5.48 3.23
C GLU A 123 -26.60 -6.52 2.21
N SER A 124 -25.38 -7.04 2.34
CA SER A 124 -24.91 -8.14 1.53
C SER A 124 -24.90 -9.39 2.38
N SER A 125 -25.77 -10.37 2.07
CA SER A 125 -25.81 -11.64 2.82
C SER A 125 -24.48 -12.41 2.64
N GLU A 126 -23.88 -12.30 1.44
CA GLU A 126 -22.61 -12.95 1.09
C GLU A 126 -21.45 -12.40 1.94
N ALA A 127 -21.35 -11.05 2.06
CA ALA A 127 -20.31 -10.40 2.86
C ALA A 127 -20.54 -10.63 4.36
N LYS A 128 -21.82 -10.67 4.78
CA LYS A 128 -22.22 -10.94 6.18
C LYS A 128 -21.76 -12.34 6.61
N ALA A 129 -21.89 -13.33 5.73
CA ALA A 129 -21.45 -14.70 5.98
C ALA A 129 -19.91 -14.77 6.09
N VAL A 130 -19.16 -13.94 5.32
CA VAL A 130 -17.70 -13.92 5.40
C VAL A 130 -17.26 -13.32 6.76
N LEU A 131 -17.91 -12.22 7.17
CA LEU A 131 -17.64 -11.55 8.43
C LEU A 131 -17.89 -12.44 9.66
N ASN A 132 -18.79 -13.44 9.53
CA ASN A 132 -19.11 -14.37 10.60
C ASN A 132 -18.33 -15.70 10.49
N ASP A 133 -17.61 -15.92 9.39
CA ASP A 133 -16.79 -17.12 9.18
C ASP A 133 -15.60 -17.10 10.13
N GLU A 134 -15.37 -18.23 10.80
CA GLU A 134 -14.32 -18.39 11.80
C GLU A 134 -12.93 -18.27 11.21
N ARG A 135 -12.70 -18.82 10.00
CA ARG A 135 -11.38 -18.74 9.35
C ARG A 135 -11.08 -17.29 8.95
N TYR A 136 -12.09 -16.58 8.38
CA TYR A 136 -11.90 -15.22 7.96
C TYR A 136 -11.59 -14.34 9.16
N LYS A 137 -12.37 -14.44 10.24
CA LYS A 137 -12.18 -13.67 11.49
C LYS A 137 -10.78 -13.87 12.06
N SER A 138 -10.32 -15.14 12.14
CA SER A 138 -8.99 -15.50 12.64
C SER A 138 -7.89 -14.95 11.79
N PHE A 139 -8.02 -15.03 10.46
CA PHE A 139 -6.98 -14.55 9.54
C PHE A 139 -6.85 -13.04 9.62
N LYS A 140 -7.98 -12.31 9.74
CA LYS A 140 -7.97 -10.85 9.89
C LYS A 140 -7.30 -10.46 11.20
N LEU A 141 -7.69 -11.13 12.28
CA LEU A 141 -7.18 -10.85 13.61
C LEU A 141 -5.69 -11.14 13.73
N PHE A 142 -5.23 -12.30 13.24
CA PHE A 142 -3.84 -12.70 13.38
C PHE A 142 -2.92 -11.87 12.50
N THR A 143 -3.32 -11.58 11.25
CA THR A 143 -2.45 -10.79 10.36
C THR A 143 -2.46 -9.30 10.75
N SER A 144 -3.32 -8.86 11.69
CA SER A 144 -3.33 -7.47 12.20
C SER A 144 -2.05 -7.25 13.07
N VAL A 145 -1.34 -8.34 13.42
CA VAL A 145 -0.09 -8.30 14.16
C VAL A 145 1.05 -8.09 13.15
N PHE A 146 1.93 -7.10 13.40
CA PHE A 146 3.08 -6.84 12.55
C PHE A 146 4.00 -8.09 12.65
N GLY A 147 4.33 -8.67 11.49
CA GLY A 147 5.17 -9.87 11.43
C GLY A 147 4.42 -11.18 11.19
N VAL A 148 3.08 -11.09 11.16
CA VAL A 148 2.22 -12.25 10.94
C VAL A 148 1.58 -12.12 9.58
N GLY A 149 1.89 -13.06 8.71
CA GLY A 149 1.32 -13.17 7.37
C GLY A 149 0.39 -14.36 7.28
N LEU A 150 -0.04 -14.69 6.05
CA LEU A 150 -0.98 -15.77 5.74
C LEU A 150 -0.55 -17.14 6.26
N LYS A 151 0.73 -17.53 6.11
CA LYS A 151 1.22 -18.83 6.56
C LYS A 151 1.16 -18.99 8.08
N THR A 152 1.62 -18.00 8.86
CA THR A 152 1.62 -18.07 10.33
C THR A 152 0.18 -18.03 10.85
N ALA A 153 -0.69 -17.21 10.24
CA ALA A 153 -2.10 -17.12 10.62
C ALA A 153 -2.80 -18.48 10.40
N GLU A 154 -2.51 -19.16 9.26
CA GLU A 154 -3.03 -20.50 8.92
C GLU A 154 -2.57 -21.53 9.93
N LYS A 155 -1.28 -21.50 10.29
CA LYS A 155 -0.64 -22.39 11.24
C LYS A 155 -1.34 -22.30 12.61
N TRP A 156 -1.53 -21.05 13.12
CA TRP A 156 -2.14 -20.83 14.42
C TRP A 156 -3.59 -21.26 14.43
N PHE A 157 -4.33 -21.01 13.32
CA PHE A 157 -5.73 -21.42 13.20
C PHE A 157 -5.86 -22.95 13.28
N ARG A 158 -5.01 -23.69 12.56
CA ARG A 158 -5.03 -25.16 12.53
C ARG A 158 -4.54 -25.76 13.87
N MET A 159 -3.89 -24.93 14.72
CA MET A 159 -3.46 -25.33 16.06
C MET A 159 -4.59 -25.11 17.05
N GLY A 160 -5.65 -24.46 16.62
CA GLY A 160 -6.84 -24.21 17.44
C GLY A 160 -6.91 -22.87 18.15
N PHE A 161 -5.96 -21.95 17.83
CA PHE A 161 -5.95 -20.60 18.39
C PHE A 161 -7.01 -19.73 17.70
N ARG A 162 -7.69 -18.88 18.48
CA ARG A 162 -8.72 -17.97 17.97
C ARG A 162 -8.57 -16.54 18.49
N THR A 163 -7.75 -16.36 19.54
CA THR A 163 -7.57 -15.04 20.15
C THR A 163 -6.09 -14.72 20.29
N LEU A 164 -5.77 -13.42 20.27
CA LEU A 164 -4.39 -12.94 20.40
C LEU A 164 -3.87 -13.18 21.80
N SER A 165 -4.75 -13.10 22.81
CA SER A 165 -4.43 -13.37 24.21
C SER A 165 -3.90 -14.80 24.39
N LYS A 166 -4.56 -15.78 23.75
CA LYS A 166 -4.13 -17.17 23.85
C LYS A 166 -2.82 -17.39 23.09
N ILE A 167 -2.59 -16.66 22.00
CA ILE A 167 -1.34 -16.81 21.22
C ILE A 167 -0.14 -16.27 22.03
N GLN A 168 -0.25 -15.04 22.54
CA GLN A 168 0.77 -14.32 23.31
C GLN A 168 1.18 -15.03 24.59
N SER A 169 0.21 -15.63 25.29
CA SER A 169 0.48 -16.30 26.55
C SER A 169 0.86 -17.76 26.40
N ASP A 170 0.85 -18.34 25.19
CA ASP A 170 1.22 -19.75 25.01
C ASP A 170 2.71 -19.94 25.30
N LYS A 171 3.07 -20.99 26.05
CA LYS A 171 4.43 -21.22 26.48
C LYS A 171 5.23 -22.13 25.52
N SER A 172 4.58 -22.70 24.47
CA SER A 172 5.28 -23.53 23.48
C SER A 172 5.60 -22.78 22.20
N LEU A 173 4.82 -21.75 21.84
CA LEU A 173 5.00 -20.96 20.61
C LEU A 173 6.29 -20.18 20.63
N ARG A 174 6.94 -20.08 19.45
CA ARG A 174 8.18 -19.32 19.28
C ARG A 174 7.91 -18.23 18.27
N PHE A 175 8.28 -17.01 18.62
CA PHE A 175 7.98 -15.84 17.79
C PHE A 175 9.21 -15.25 17.15
N THR A 176 9.06 -14.74 15.90
CA THR A 176 10.13 -14.05 15.18
C THR A 176 10.32 -12.67 15.83
N GLN A 177 11.46 -12.01 15.58
CA GLN A 177 11.71 -10.68 16.15
C GLN A 177 10.65 -9.67 15.67
N MET A 178 10.17 -9.83 14.43
CA MET A 178 9.14 -8.99 13.83
C MET A 178 7.83 -9.13 14.60
N GLN A 179 7.43 -10.39 14.94
CA GLN A 179 6.21 -10.72 15.70
C GLN A 179 6.27 -10.23 17.14
N LYS A 180 7.45 -10.37 17.79
CA LYS A 180 7.68 -9.86 19.15
C LYS A 180 7.38 -8.36 19.20
N ALA A 181 7.90 -7.58 18.20
CA ALA A 181 7.64 -6.14 18.05
C ALA A 181 6.17 -5.88 17.75
N GLY A 182 5.58 -6.71 16.90
CA GLY A 182 4.18 -6.63 16.56
C GLY A 182 3.27 -6.77 17.76
N PHE A 183 3.61 -7.70 18.70
CA PHE A 183 2.82 -7.89 19.93
C PHE A 183 3.10 -6.80 20.96
N LEU A 184 4.38 -6.40 21.12
CA LEU A 184 4.80 -5.41 22.12
C LEU A 184 4.15 -4.03 21.87
N TYR A 185 4.03 -3.63 20.58
CA TYR A 185 3.50 -2.32 20.17
C TYR A 185 2.13 -2.43 19.50
N TYR A 186 1.44 -3.56 19.65
CA TYR A 186 0.16 -3.89 19.03
C TYR A 186 -0.89 -2.75 19.07
N GLU A 187 -1.22 -2.20 20.26
CA GLU A 187 -2.27 -1.20 20.40
C GLU A 187 -1.97 0.06 19.62
N ASP A 188 -0.71 0.52 19.65
CA ASP A 188 -0.27 1.71 18.86
C ASP A 188 -0.31 1.44 17.37
N LEU A 189 0.18 0.27 16.93
CA LEU A 189 0.20 -0.10 15.51
C LEU A 189 -1.21 -0.34 14.95
N VAL A 190 -2.16 -0.78 15.78
CA VAL A 190 -3.51 -1.03 15.27
C VAL A 190 -4.34 0.26 15.25
N SER A 191 -3.92 1.29 16.02
CA SER A 191 -4.61 2.56 15.98
C SER A 191 -4.15 3.31 14.72
N CYS A 192 -5.04 3.95 14.04
CA CYS A 192 -4.67 4.60 12.81
C CYS A 192 -3.64 5.74 13.02
N VAL A 193 -2.62 5.82 12.12
CA VAL A 193 -1.70 6.98 12.04
C VAL A 193 -2.52 8.09 11.40
N ASN A 194 -2.57 9.28 12.01
CA ASN A 194 -3.31 10.40 11.44
C ASN A 194 -2.32 11.38 10.73
N ARG A 195 -2.82 12.46 10.07
CA ARG A 195 -1.95 13.38 9.32
C ARG A 195 -0.99 14.15 10.23
N PRO A 196 -1.42 14.75 11.40
CA PRO A 196 -0.43 15.40 12.28
C PRO A 196 0.71 14.45 12.67
N GLU A 197 0.43 13.14 12.91
CA GLU A 197 1.47 12.16 13.23
C GLU A 197 2.37 11.89 12.03
N ALA A 198 1.77 11.70 10.81
CA ALA A 198 2.53 11.48 9.57
C ALA A 198 3.47 12.67 9.30
N GLU A 199 3.02 13.91 9.58
CA GLU A 199 3.83 15.11 9.37
C GLU A 199 4.98 15.18 10.37
N ALA A 200 4.72 14.74 11.61
CA ALA A 200 5.71 14.70 12.68
C ALA A 200 6.81 13.71 12.31
N VAL A 201 6.43 12.55 11.74
CA VAL A 201 7.33 11.51 11.25
C VAL A 201 8.15 12.09 10.09
N SER A 202 7.50 12.81 9.14
CA SER A 202 8.19 13.43 7.99
C SER A 202 9.34 14.34 8.44
N MET A 203 9.10 15.15 9.48
CA MET A 203 10.08 16.05 10.10
C MET A 203 11.27 15.25 10.63
N LEU A 204 11.01 14.15 11.35
CA LEU A 204 12.03 13.26 11.89
C LEU A 204 12.87 12.66 10.76
N VAL A 205 12.22 12.14 9.70
CA VAL A 205 12.86 11.52 8.55
C VAL A 205 13.77 12.56 7.87
N LYS A 206 13.22 13.74 7.53
CA LYS A 206 13.97 14.81 6.85
C LYS A 206 15.17 15.27 7.69
N GLU A 207 14.99 15.52 9.01
CA GLU A 207 16.06 15.92 9.95
C GLU A 207 17.19 14.90 9.97
N ALA A 208 16.87 13.60 9.99
CA ALA A 208 17.85 12.53 10.02
C ALA A 208 18.58 12.40 8.67
N VAL A 209 17.83 12.35 7.56
CA VAL A 209 18.35 12.20 6.20
C VAL A 209 19.33 13.35 5.81
N VAL A 210 18.94 14.63 6.00
CA VAL A 210 19.76 15.80 5.61
C VAL A 210 21.04 15.91 6.47
N THR A 211 21.08 15.24 7.65
CA THR A 211 22.26 15.20 8.51
C THR A 211 23.43 14.52 7.76
N PHE A 212 23.13 13.49 6.94
CA PHE A 212 24.12 12.71 6.21
C PHE A 212 24.18 13.08 4.71
N LEU A 213 23.04 13.43 4.09
CA LEU A 213 22.91 13.84 2.69
C LEU A 213 22.10 15.16 2.63
N PRO A 214 22.73 16.34 2.73
CA PRO A 214 21.94 17.59 2.77
C PRO A 214 21.14 17.92 1.52
N ASP A 215 21.51 17.37 0.35
CA ASP A 215 20.80 17.62 -0.91
C ASP A 215 19.64 16.63 -1.17
N ALA A 216 19.41 15.67 -0.24
CA ALA A 216 18.40 14.63 -0.43
C ALA A 216 16.98 15.18 -0.43
N LEU A 217 16.15 14.58 -1.28
CA LEU A 217 14.74 14.87 -1.44
C LEU A 217 13.97 13.75 -0.79
N VAL A 218 13.14 14.10 0.19
CA VAL A 218 12.33 13.14 0.93
C VAL A 218 10.87 13.42 0.62
N THR A 219 10.15 12.43 0.08
CA THR A 219 8.74 12.57 -0.29
C THR A 219 7.91 11.55 0.41
N MET A 220 6.81 11.98 1.02
CA MET A 220 5.85 11.08 1.65
C MET A 220 5.03 10.48 0.52
N THR A 221 4.93 9.16 0.48
CA THR A 221 4.19 8.44 -0.58
C THR A 221 2.97 7.71 0.05
N GLY A 222 2.51 6.64 -0.60
CA GLY A 222 1.36 5.86 -0.16
C GLY A 222 0.06 6.63 -0.06
N GLY A 223 -0.82 6.18 0.81
CA GLY A 223 -2.14 6.72 1.06
C GLY A 223 -2.19 8.20 1.39
N PHE A 224 -1.26 8.68 2.24
CA PHE A 224 -1.21 10.10 2.63
C PHE A 224 -0.99 11.01 1.43
N ARG A 225 -0.14 10.57 0.48
CA ARG A 225 0.06 11.33 -0.76
C ARG A 225 -1.23 11.34 -1.61
N ARG A 226 -2.10 10.33 -1.49
CA ARG A 226 -3.36 10.24 -2.23
C ARG A 226 -4.49 10.99 -1.50
N GLY A 227 -4.17 11.69 -0.41
CA GLY A 227 -5.12 12.49 0.36
C GLY A 227 -5.80 11.84 1.56
N LYS A 228 -5.39 10.61 1.93
CA LYS A 228 -6.01 9.92 3.06
C LYS A 228 -5.75 10.63 4.40
N MET A 229 -6.75 10.59 5.26
CA MET A 229 -6.68 11.16 6.60
C MET A 229 -5.91 10.26 7.53
N THR A 230 -5.96 8.94 7.28
CA THR A 230 -5.29 7.95 8.12
C THR A 230 -4.55 6.91 7.28
N GLY A 231 -3.71 6.13 7.95
CA GLY A 231 -2.97 5.02 7.36
C GLY A 231 -2.41 4.08 8.40
N HIS A 232 -1.96 2.89 7.98
CA HIS A 232 -1.37 1.89 8.92
C HIS A 232 0.10 2.19 9.16
N ASP A 233 0.70 2.97 8.23
CA ASP A 233 2.09 3.34 8.24
C ASP A 233 2.30 4.65 7.52
N VAL A 234 3.55 5.14 7.51
CA VAL A 234 3.96 6.35 6.79
C VAL A 234 5.14 5.91 5.94
N ASP A 235 5.03 6.11 4.61
CA ASP A 235 6.03 5.72 3.64
C ASP A 235 6.71 6.92 3.04
N PHE A 236 8.01 6.79 2.79
CA PHE A 236 8.83 7.85 2.24
C PHE A 236 9.74 7.34 1.15
N LEU A 237 9.95 8.18 0.15
CA LEU A 237 10.89 7.94 -0.93
C LEU A 237 12.01 8.92 -0.71
N ILE A 238 13.25 8.43 -0.67
CA ILE A 238 14.43 9.27 -0.48
C ILE A 238 15.27 9.13 -1.73
N THR A 239 15.78 10.24 -2.23
CA THR A 239 16.64 10.26 -3.39
C THR A 239 17.60 11.44 -3.29
N SER A 240 18.82 11.30 -3.85
CA SER A 240 19.80 12.37 -3.79
C SER A 240 20.42 12.62 -5.16
N PRO A 241 20.34 13.87 -5.71
CA PRO A 241 20.93 14.11 -7.04
C PRO A 241 22.45 14.02 -7.12
N GLU A 242 23.19 14.26 -6.02
CA GLU A 242 24.65 14.20 -6.07
C GLU A 242 25.29 12.96 -5.37
N ALA A 243 24.56 12.21 -4.52
CA ALA A 243 25.13 11.05 -3.81
C ALA A 243 25.73 9.98 -4.74
N THR A 244 26.81 9.32 -4.28
CA THR A 244 27.46 8.24 -5.00
C THR A 244 26.67 6.93 -4.78
N GLU A 245 27.07 5.82 -5.45
CA GLU A 245 26.44 4.50 -5.27
C GLU A 245 26.61 4.04 -3.83
N ASP A 246 27.81 4.28 -3.24
CA ASP A 246 28.12 3.93 -1.87
C ASP A 246 27.34 4.80 -0.87
N GLU A 247 27.29 6.14 -1.09
CA GLU A 247 26.57 7.07 -0.22
C GLU A 247 25.10 6.70 -0.14
N GLU A 248 24.50 6.34 -1.31
CA GLU A 248 23.12 5.90 -1.48
C GLU A 248 22.84 4.66 -0.68
N GLN A 249 23.81 3.74 -0.66
CA GLN A 249 23.72 2.47 0.04
C GLN A 249 23.81 2.63 1.57
N GLN A 250 24.63 3.58 2.05
CA GLN A 250 24.90 3.77 3.47
C GLN A 250 23.90 4.65 4.21
N LEU A 251 23.08 5.43 3.50
CA LEU A 251 22.17 6.38 4.14
C LEU A 251 21.19 5.73 5.12
N LEU A 252 20.47 4.68 4.71
CA LEU A 252 19.48 4.03 5.59
C LEU A 252 20.15 3.44 6.85
N HIS A 253 21.44 2.96 6.74
CA HIS A 253 22.21 2.46 7.88
C HIS A 253 22.58 3.62 8.81
N LYS A 254 23.02 4.76 8.26
CA LYS A 254 23.39 5.95 9.04
C LYS A 254 22.19 6.54 9.78
N VAL A 255 21.04 6.65 9.10
CA VAL A 255 19.81 7.23 9.64
C VAL A 255 19.26 6.36 10.78
N THR A 256 19.25 5.04 10.61
CA THR A 256 18.74 4.13 11.63
C THR A 256 19.71 4.05 12.82
N ASP A 257 21.06 4.11 12.60
CA ASP A 257 22.04 4.11 13.70
C ASP A 257 21.86 5.37 14.57
N PHE A 258 21.61 6.54 13.89
CA PHE A 258 21.34 7.82 14.53
C PHE A 258 20.10 7.73 15.43
N TRP A 259 19.00 7.11 14.93
CA TRP A 259 17.77 6.93 15.70
C TRP A 259 17.96 5.92 16.84
N LYS A 260 18.78 4.88 16.62
CA LYS A 260 19.13 3.89 17.65
C LYS A 260 19.86 4.58 18.82
N GLN A 261 20.78 5.52 18.50
CA GLN A 261 21.53 6.35 19.46
C GLN A 261 20.60 7.27 20.21
N GLN A 262 19.55 7.77 19.52
CA GLN A 262 18.53 8.69 20.06
C GLN A 262 17.46 7.96 20.90
N GLY A 263 17.46 6.62 20.84
CA GLY A 263 16.50 5.77 21.54
C GLY A 263 15.12 5.80 20.91
N LEU A 264 15.06 6.04 19.58
CA LEU A 264 13.81 6.15 18.82
C LEU A 264 13.52 4.94 17.95
N LEU A 265 14.53 4.10 17.71
CA LEU A 265 14.39 2.93 16.86
C LEU A 265 13.88 1.76 17.69
N LEU A 266 12.59 1.43 17.49
CA LEU A 266 11.93 0.34 18.19
C LEU A 266 12.06 -0.96 17.41
N TYR A 267 12.10 -0.87 16.08
CA TYR A 267 12.28 -2.04 15.21
C TYR A 267 12.93 -1.58 13.94
N CYS A 268 13.82 -2.39 13.36
CA CYS A 268 14.50 -2.05 12.13
C CYS A 268 14.89 -3.29 11.34
N ASP A 269 14.53 -3.31 10.06
CA ASP A 269 14.87 -4.36 9.10
C ASP A 269 15.21 -3.66 7.80
N ILE A 270 16.48 -3.71 7.40
CA ILE A 270 16.96 -3.07 6.18
C ILE A 270 17.15 -4.16 5.12
N LEU A 271 16.46 -3.99 3.98
CA LEU A 271 16.58 -4.89 2.85
C LEU A 271 17.52 -4.24 1.84
N GLU A 272 18.69 -4.88 1.60
CA GLU A 272 19.67 -4.35 0.65
C GLU A 272 19.10 -4.33 -0.75
N SER A 273 19.60 -3.42 -1.58
CA SER A 273 19.16 -3.30 -2.95
C SER A 273 19.60 -4.48 -3.80
N THR A 274 18.72 -4.90 -4.71
CA THR A 274 18.99 -5.95 -5.70
C THR A 274 18.76 -5.31 -7.11
N PHE A 275 18.68 -3.94 -7.12
CA PHE A 275 18.45 -3.11 -8.29
C PHE A 275 19.52 -3.34 -9.34
N GLU A 276 19.06 -3.51 -10.58
CA GLU A 276 19.88 -3.71 -11.77
C GLU A 276 19.57 -2.60 -12.76
N LYS A 277 20.55 -1.71 -12.95
CA LYS A 277 20.50 -0.53 -13.81
C LYS A 277 20.04 -0.82 -15.25
N PHE A 278 20.48 -1.96 -15.84
CA PHE A 278 20.14 -2.25 -17.23
C PHE A 278 19.21 -3.48 -17.45
N LYS A 279 18.51 -3.96 -16.40
CA LYS A 279 17.56 -5.08 -16.58
C LYS A 279 16.22 -4.54 -17.14
N GLN A 280 15.53 -5.34 -17.99
CA GLN A 280 14.20 -4.99 -18.53
C GLN A 280 13.18 -4.93 -17.36
N PRO A 281 12.15 -4.04 -17.39
CA PRO A 281 11.17 -4.02 -16.27
C PRO A 281 10.39 -5.34 -16.15
N SER A 282 9.84 -5.61 -14.95
CA SER A 282 9.06 -6.82 -14.62
C SER A 282 7.84 -7.02 -15.54
N ARG A 283 7.58 -8.29 -15.86
CA ARG A 283 6.46 -8.76 -16.69
C ARG A 283 5.32 -9.26 -15.76
N LYS A 284 5.63 -9.49 -14.46
CA LYS A 284 4.71 -9.96 -13.40
C LYS A 284 3.51 -9.03 -13.20
N VAL A 285 2.35 -9.61 -12.81
CA VAL A 285 1.11 -8.88 -12.54
C VAL A 285 1.35 -7.89 -11.37
N ASP A 286 1.99 -8.41 -10.31
CA ASP A 286 2.41 -7.68 -9.13
C ASP A 286 3.95 -7.67 -9.11
N ALA A 287 4.52 -6.53 -9.55
CA ALA A 287 5.97 -6.34 -9.68
C ALA A 287 6.63 -6.18 -8.33
N LEU A 288 7.83 -6.78 -8.17
CA LEU A 288 8.65 -6.67 -6.97
C LEU A 288 9.52 -5.38 -7.05
N ASP A 289 9.77 -4.75 -5.90
CA ASP A 289 10.59 -3.55 -5.84
C ASP A 289 12.01 -3.96 -5.37
N HIS A 290 13.01 -3.66 -6.18
CA HIS A 290 14.39 -4.06 -5.92
C HIS A 290 15.24 -2.97 -5.24
N PHE A 291 14.66 -1.80 -4.93
CA PHE A 291 15.40 -0.72 -4.29
C PHE A 291 15.70 -1.05 -2.83
N GLN A 292 16.78 -0.45 -2.28
CA GLN A 292 17.10 -0.59 -0.87
C GLN A 292 15.95 0.03 -0.04
N LYS A 293 15.49 -0.69 0.98
CA LYS A 293 14.39 -0.21 1.80
C LYS A 293 14.49 -0.69 3.23
N CYS A 294 13.73 -0.05 4.13
CA CYS A 294 13.70 -0.49 5.51
C CYS A 294 12.31 -0.35 6.07
N PHE A 295 11.95 -1.33 6.88
CA PHE A 295 10.68 -1.44 7.59
C PHE A 295 10.99 -1.16 9.03
N LEU A 296 10.43 -0.08 9.53
CA LEU A 296 10.76 0.40 10.86
C LEU A 296 9.56 0.59 11.72
N ILE A 297 9.83 0.70 13.02
CA ILE A 297 8.90 1.12 14.05
C ILE A 297 9.65 2.22 14.79
N LEU A 298 9.10 3.43 14.78
CA LEU A 298 9.74 4.55 15.45
C LEU A 298 8.99 4.97 16.68
N LYS A 299 9.71 5.49 17.67
CA LYS A 299 9.13 6.07 18.88
C LYS A 299 8.81 7.55 18.56
N LEU A 300 7.53 7.89 18.44
CA LEU A 300 7.11 9.24 18.15
C LEU A 300 6.65 9.93 19.43
N ASP A 301 7.44 10.88 19.94
CA ASP A 301 7.09 11.65 21.15
C ASP A 301 5.87 12.53 20.87
N HIS A 302 4.90 12.56 21.80
CA HIS A 302 3.66 13.33 21.65
C HIS A 302 3.92 14.82 21.40
N GLY A 303 4.97 15.37 22.02
CA GLY A 303 5.37 16.78 21.88
C GLY A 303 5.69 17.23 20.47
N ARG A 304 6.14 16.30 19.60
CA ARG A 304 6.48 16.54 18.19
C ARG A 304 5.23 16.61 17.27
N VAL A 305 4.06 16.20 17.78
CA VAL A 305 2.80 16.14 17.05
C VAL A 305 2.01 17.43 17.30
N HIS A 306 1.69 18.16 16.22
CA HIS A 306 0.91 19.41 16.31
C HIS A 306 -0.53 19.13 15.82
N SER A 307 -1.34 18.62 16.76
CA SER A 307 -2.73 18.25 16.52
C SER A 307 -3.69 19.08 17.40
N GLU A 308 -4.98 18.75 17.33
CA GLU A 308 -6.04 19.36 18.11
C GLU A 308 -5.98 18.89 19.58
N LYS A 309 -5.46 17.67 19.81
CA LYS A 309 -5.27 17.09 21.14
C LYS A 309 -3.83 17.30 21.60
N GLU A 314 -2.20 12.01 28.19
CA GLU A 314 -2.06 11.37 26.89
C GLU A 314 -1.22 10.04 26.97
N GLY A 315 -1.35 9.33 28.10
CA GLY A 315 -0.73 8.04 28.38
C GLY A 315 0.75 8.06 28.66
N LYS A 316 1.49 7.14 27.98
CA LYS A 316 2.96 6.97 28.08
C LYS A 316 3.74 8.17 27.50
N GLY A 317 3.07 9.01 26.71
CA GLY A 317 3.70 10.21 26.14
C GLY A 317 4.36 10.03 24.78
N TRP A 318 4.20 8.85 24.17
CA TRP A 318 4.74 8.53 22.86
C TRP A 318 3.87 7.47 22.16
N LYS A 319 4.04 7.33 20.85
CA LYS A 319 3.31 6.36 20.04
C LYS A 319 4.25 5.64 19.09
N ALA A 320 4.11 4.31 19.00
CA ALA A 320 4.87 3.48 18.06
C ALA A 320 4.24 3.67 16.67
N ILE A 321 5.08 4.01 15.68
CA ILE A 321 4.61 4.27 14.32
C ILE A 321 5.38 3.39 13.36
N ARG A 322 4.66 2.72 12.47
CA ARG A 322 5.27 1.94 11.40
C ARG A 322 5.69 2.91 10.32
N VAL A 323 6.98 2.88 9.93
CA VAL A 323 7.53 3.76 8.90
C VAL A 323 8.28 2.91 7.89
N ASP A 324 8.11 3.17 6.59
CA ASP A 324 8.90 2.52 5.55
C ASP A 324 9.67 3.56 4.79
N LEU A 325 10.96 3.31 4.57
CA LEU A 325 11.83 4.20 3.84
C LEU A 325 12.34 3.46 2.65
N VAL A 326 12.30 4.11 1.48
CA VAL A 326 12.82 3.60 0.22
C VAL A 326 13.86 4.56 -0.31
N MET A 327 15.04 4.06 -0.68
CA MET A 327 16.12 4.84 -1.28
C MET A 327 16.24 4.43 -2.74
N CYS A 328 16.21 5.38 -3.67
CA CYS A 328 16.32 5.03 -5.09
C CYS A 328 17.30 5.93 -5.80
N PRO A 329 17.88 5.46 -6.93
CA PRO A 329 18.80 6.32 -7.70
C PRO A 329 18.03 7.51 -8.26
N TYR A 330 18.65 8.68 -8.27
CA TYR A 330 18.02 9.92 -8.70
C TYR A 330 17.29 9.84 -10.04
N ASP A 331 17.88 9.18 -11.07
CA ASP A 331 17.30 9.11 -12.41
C ASP A 331 16.03 8.27 -12.47
N ARG A 332 15.75 7.44 -11.43
CA ARG A 332 14.56 6.57 -11.38
C ARG A 332 13.50 7.08 -10.39
N ARG A 333 13.70 8.30 -9.86
CA ARG A 333 12.81 8.87 -8.87
C ARG A 333 11.34 8.99 -9.31
N ALA A 334 11.06 9.26 -10.58
CA ALA A 334 9.66 9.38 -11.04
C ALA A 334 8.96 8.02 -11.06
N PHE A 335 9.68 6.95 -11.45
CA PHE A 335 9.12 5.59 -11.54
C PHE A 335 8.84 5.07 -10.16
N ALA A 336 9.76 5.33 -9.22
CA ALA A 336 9.63 4.89 -7.83
C ALA A 336 8.48 5.62 -7.16
N LEU A 337 8.39 6.95 -7.32
CA LEU A 337 7.30 7.79 -6.78
C LEU A 337 5.93 7.29 -7.28
N LEU A 338 5.79 7.06 -8.57
CA LEU A 338 4.57 6.54 -9.19
C LEU A 338 4.21 5.16 -8.63
N GLY A 339 5.19 4.28 -8.44
CA GLY A 339 4.96 2.94 -7.88
C GLY A 339 4.56 2.99 -6.43
N TRP A 340 5.26 3.78 -5.62
CA TRP A 340 4.99 3.87 -4.17
C TRP A 340 3.78 4.72 -3.80
N THR A 341 3.24 5.55 -4.72
CA THR A 341 2.08 6.39 -4.40
C THR A 341 0.82 5.55 -4.39
N GLY A 342 0.76 4.52 -5.22
CA GLY A 342 -0.38 3.61 -5.33
C GLY A 342 -1.60 4.24 -6.00
N SER A 343 -2.84 3.73 -5.74
CA SER A 343 -3.15 2.57 -4.90
C SER A 343 -2.64 1.27 -5.54
N ARG A 344 -2.77 0.13 -4.85
CA ARG A 344 -2.34 -1.17 -5.43
C ARG A 344 -3.09 -1.44 -6.78
N GLN A 345 -4.40 -1.21 -6.81
CA GLN A 345 -5.21 -1.40 -8.03
C GLN A 345 -4.81 -0.44 -9.16
N PHE A 346 -4.53 0.83 -8.81
CA PHE A 346 -4.11 1.81 -9.81
C PHE A 346 -2.78 1.34 -10.47
N GLU A 347 -1.83 0.84 -9.65
CA GLU A 347 -0.53 0.34 -10.11
C GLU A 347 -0.70 -0.91 -11.01
N ARG A 348 -1.56 -1.88 -10.61
CA ARG A 348 -1.82 -3.09 -11.40
C ARG A 348 -2.34 -2.70 -12.78
N ASP A 349 -3.33 -1.77 -12.84
CA ASP A 349 -3.93 -1.34 -14.11
C ASP A 349 -2.98 -0.51 -14.98
N LEU A 350 -2.10 0.30 -14.38
CA LEU A 350 -1.08 1.07 -15.11
C LEU A 350 -0.15 0.12 -15.90
N ARG A 351 0.33 -0.91 -15.19
CA ARG A 351 1.25 -1.88 -15.75
C ARG A 351 0.52 -2.75 -16.81
N ARG A 352 -0.75 -3.11 -16.57
CA ARG A 352 -1.57 -3.89 -17.49
C ARG A 352 -1.85 -3.08 -18.77
N TYR A 353 -2.24 -1.80 -18.63
CA TYR A 353 -2.44 -0.88 -19.75
C TYR A 353 -1.13 -0.73 -20.55
N ALA A 354 0.01 -0.44 -19.88
CA ALA A 354 1.31 -0.32 -20.54
C ALA A 354 1.61 -1.54 -21.44
N THR A 355 1.39 -2.76 -20.92
CA THR A 355 1.67 -4.00 -21.65
C THR A 355 0.68 -4.24 -22.79
N HIS A 356 -0.61 -4.31 -22.50
CA HIS A 356 -1.65 -4.68 -23.43
C HIS A 356 -2.01 -3.62 -24.43
N GLU A 357 -1.98 -2.34 -24.04
CA GLU A 357 -2.37 -1.26 -24.97
C GLU A 357 -1.19 -0.53 -25.63
N ARG A 358 -0.03 -0.44 -24.96
CA ARG A 358 1.09 0.31 -25.53
C ARG A 358 2.33 -0.54 -25.88
N LYS A 359 2.34 -1.84 -25.56
CA LYS A 359 3.49 -2.74 -25.77
C LYS A 359 4.72 -2.14 -25.04
N MET A 360 4.49 -1.65 -23.82
CA MET A 360 5.50 -1.07 -22.95
C MET A 360 5.57 -1.88 -21.67
N MET A 361 6.71 -1.87 -21.00
CA MET A 361 6.94 -2.59 -19.76
C MET A 361 7.25 -1.59 -18.68
N LEU A 362 6.39 -1.52 -17.67
CA LEU A 362 6.54 -0.55 -16.61
C LEU A 362 6.67 -1.23 -15.27
N ASP A 363 7.58 -0.70 -14.41
CA ASP A 363 7.75 -1.16 -13.02
C ASP A 363 8.24 0.05 -12.19
N ASN A 364 8.50 -0.12 -10.88
CA ASN A 364 8.98 0.96 -10.03
C ASN A 364 10.36 1.51 -10.39
N HIS A 365 11.10 0.85 -11.28
CA HIS A 365 12.45 1.25 -11.63
C HIS A 365 12.57 1.84 -13.04
N ALA A 366 11.70 1.48 -14.00
CA ALA A 366 11.87 1.90 -15.39
C ALA A 366 10.64 1.69 -16.27
N LEU A 367 10.70 2.23 -17.50
CA LEU A 367 9.69 2.13 -18.56
C LEU A 367 10.41 1.79 -19.85
N TYR A 368 10.07 0.64 -20.42
CA TYR A 368 10.70 0.14 -21.63
C TYR A 368 9.68 0.01 -22.76
N ASP A 369 10.03 0.52 -23.95
CA ASP A 369 9.23 0.50 -25.19
C ASP A 369 9.72 -0.64 -26.04
N ARG A 370 8.91 -1.73 -26.13
CA ARG A 370 9.28 -2.95 -26.87
C ARG A 370 9.29 -2.72 -28.40
N THR A 371 8.55 -1.73 -28.92
CA THR A 371 8.52 -1.44 -30.37
C THR A 371 9.76 -0.61 -30.77
N LYS A 372 10.05 0.45 -30.02
CA LYS A 372 11.20 1.33 -30.26
C LYS A 372 12.50 0.72 -29.72
N ARG A 373 12.39 -0.32 -28.87
CA ARG A 373 13.52 -1.03 -28.25
C ARG A 373 14.40 -0.06 -27.44
N VAL A 374 13.73 0.83 -26.69
CA VAL A 374 14.40 1.84 -25.88
C VAL A 374 13.73 1.98 -24.50
N PHE A 375 14.54 2.35 -23.49
CA PHE A 375 14.10 2.73 -22.16
C PHE A 375 13.68 4.18 -22.27
N LEU A 376 12.51 4.52 -21.70
CA LEU A 376 12.00 5.89 -21.75
C LEU A 376 12.32 6.61 -20.44
N GLU A 377 12.95 7.76 -20.53
CA GLU A 377 13.34 8.57 -19.38
C GLU A 377 12.20 9.46 -18.92
N ALA A 378 12.19 9.77 -17.61
CA ALA A 378 11.17 10.64 -17.04
C ALA A 378 11.71 11.36 -15.84
N GLU A 379 11.45 12.66 -15.74
CA GLU A 379 11.89 13.48 -14.60
C GLU A 379 10.73 13.69 -13.65
N SER A 380 9.50 13.30 -14.08
CA SER A 380 8.26 13.50 -13.32
C SER A 380 7.25 12.43 -13.66
N GLU A 381 6.20 12.29 -12.82
CA GLU A 381 5.12 11.31 -13.10
C GLU A 381 4.36 11.70 -14.36
N GLU A 382 4.18 13.03 -14.58
CA GLU A 382 3.52 13.62 -15.75
C GLU A 382 4.16 13.12 -17.05
N GLU A 383 5.51 13.03 -17.10
CA GLU A 383 6.23 12.53 -18.26
C GLU A 383 5.97 11.03 -18.48
N ILE A 384 5.77 10.26 -17.38
CA ILE A 384 5.47 8.82 -17.51
C ILE A 384 4.07 8.68 -18.13
N PHE A 385 3.10 9.45 -17.67
CA PHE A 385 1.74 9.41 -18.20
C PHE A 385 1.75 9.79 -19.66
N ALA A 386 2.49 10.87 -20.05
CA ALA A 386 2.61 11.32 -21.42
C ALA A 386 3.23 10.22 -22.32
N HIS A 387 4.29 9.49 -21.84
CA HIS A 387 4.90 8.37 -22.58
C HIS A 387 3.90 7.27 -22.87
N LEU A 388 2.95 7.06 -21.95
CA LEU A 388 1.93 6.01 -22.01
C LEU A 388 0.69 6.41 -22.80
N GLY A 389 0.61 7.68 -23.18
CA GLY A 389 -0.54 8.21 -23.92
C GLY A 389 -1.77 8.35 -23.03
N LEU A 390 -1.56 8.59 -21.73
CA LEU A 390 -2.61 8.75 -20.73
C LEU A 390 -2.73 10.18 -20.26
N ASP A 391 -3.97 10.64 -19.99
CA ASP A 391 -4.17 11.96 -19.37
C ASP A 391 -3.64 11.82 -17.96
N TYR A 392 -2.97 12.85 -17.46
CA TYR A 392 -2.42 12.81 -16.11
C TYR A 392 -3.51 12.68 -15.03
N ILE A 393 -3.31 11.71 -14.14
CA ILE A 393 -4.19 11.42 -13.02
C ILE A 393 -3.45 11.91 -11.80
N GLU A 394 -4.04 12.88 -11.05
CA GLU A 394 -3.46 13.44 -9.83
C GLU A 394 -3.36 12.38 -8.74
N PRO A 395 -2.39 12.46 -7.79
CA PRO A 395 -2.30 11.42 -6.74
C PRO A 395 -3.60 11.18 -5.98
N TRP A 396 -4.37 12.25 -5.67
CA TRP A 396 -5.66 12.13 -4.95
C TRP A 396 -6.74 11.50 -5.82
N GLU A 397 -6.47 11.27 -7.12
CA GLU A 397 -7.39 10.65 -8.06
C GLU A 397 -6.99 9.20 -8.33
N ARG A 398 -6.00 8.68 -7.58
CA ARG A 398 -5.52 7.30 -7.77
C ARG A 398 -5.99 6.37 -6.68
N ASN A 399 -7.11 6.70 -6.01
CA ASN A 399 -7.64 5.86 -4.94
C ASN A 399 -8.52 4.72 -5.50
N ALA A 400 -8.01 4.03 -6.52
CA ALA A 400 -8.73 2.92 -7.19
C ALA A 400 -8.85 1.67 -6.30
CO CO C . 4.23 1.00 3.75
NA NA D . 0.61 -8.76 9.48
MG MG E . 1.14 3.30 3.25
#